data_8PZK
#
_entry.id   8PZK
#
_cell.length_a   52.661
_cell.length_b   52.661
_cell.length_c   216.831
_cell.angle_alpha   90.000
_cell.angle_beta   90.000
_cell.angle_gamma   90.000
#
_symmetry.space_group_name_H-M   'P 43 21 2'
#
loop_
_entity.id
_entity.type
_entity.pdbx_description
1 polymer 'Orange carotenoid-binding protein'
2 non-polymer beta,beta-caroten-4-one
3 non-polymer 2-AMINO-2-HYDROXYMETHYL-PROPANE-1,3-DIOL
4 non-polymer 'AZIDE ION'
5 non-polymer GLYCEROL
6 water water
#
_entity_poly.entity_id   1
_entity_poly.type   'polypeptide(L)'
_entity_poly.pdbx_seq_one_letter_code
;GSHMTFTIESARSIFPDTQVANVIPATVASFNQLSGEDQLALLWFVYTEMGVTITPAAVGAANMIFAEKTLTQIQQMPAQ
EQTQVM(CSO)DLVNHTDTPICRTYSSFGTNVKLGFWYQLSEWMKQGIVAPIPEGYQLSTKASDVLQAIRQLEPGQQLTV
LQDIVVNMGYTSSVDTQKIKEPAVPPQQVAPRTQINIEGINNETVLSYMENMNAFNFPAAVALFTEDGALQPPFQEPIVG
QESILAYMHEECYGLKLIPEQGISEPVEGFTQIKVTGKVQTPWAGDSVSINLAWRFLLNPQGKIFFVAIDVLASPQELLN
MGFVK
;
_entity_poly.pdbx_strand_id   A
#
loop_
_chem_comp.id
_chem_comp.type
_chem_comp.name
_chem_comp.formula
AZI non-polymer 'AZIDE ION' 'N3 -1'
ECH non-polymer beta,beta-caroten-4-one 'C40 H54 O'
GOL non-polymer GLYCEROL 'C3 H8 O3'
TRS non-polymer 2-AMINO-2-HYDROXYMETHYL-PROPANE-1,3-DIOL 'C4 H12 N O3 1'
#
# COMPACT_ATOMS: atom_id res chain seq x y z
N HIS A 3 27.86 -22.23 1.16
CA HIS A 3 27.67 -21.47 -0.11
C HIS A 3 26.16 -21.38 -0.42
N MET A 4 25.72 -20.18 -0.85
CA MET A 4 24.34 -19.93 -1.27
C MET A 4 24.35 -19.26 -2.65
N THR A 5 23.44 -19.64 -3.54
CA THR A 5 23.36 -19.01 -4.85
C THR A 5 22.58 -17.68 -4.71
N PHE A 6 21.48 -17.62 -3.90
CA PHE A 6 20.72 -16.40 -3.63
C PHE A 6 20.38 -16.31 -2.14
N THR A 7 20.38 -15.07 -1.60
CA THR A 7 19.78 -14.75 -0.33
C THR A 7 18.62 -13.83 -0.63
N ILE A 8 17.71 -13.68 0.34
CA ILE A 8 16.60 -12.75 0.25
C ILE A 8 17.15 -11.38 -0.15
N GLU A 9 18.27 -11.00 0.47
CA GLU A 9 18.85 -9.69 0.24
C GLU A 9 19.31 -9.60 -1.20
N SER A 10 20.04 -10.60 -1.71
CA SER A 10 20.50 -10.49 -3.09
C SER A 10 19.32 -10.62 -4.07
N ALA A 11 18.22 -11.29 -3.69
CA ALA A 11 17.06 -11.44 -4.57
C ALA A 11 16.38 -10.10 -4.81
N ARG A 12 16.50 -9.17 -3.86
CA ARG A 12 15.84 -7.90 -4.01
C ARG A 12 16.31 -7.12 -5.23
N SER A 13 17.52 -7.42 -5.78
CA SER A 13 18.10 -6.63 -6.86
CA SER A 13 18.14 -6.65 -6.85
C SER A 13 17.82 -7.23 -8.24
N ILE A 14 16.96 -8.26 -8.36
CA ILE A 14 16.61 -8.82 -9.68
C ILE A 14 15.88 -7.75 -10.54
N PHE A 15 16.14 -7.76 -11.88
CA PHE A 15 15.60 -6.76 -12.82
C PHE A 15 15.85 -5.33 -12.28
N PRO A 16 17.14 -4.99 -12.02
CA PRO A 16 17.49 -3.80 -11.26
C PRO A 16 17.11 -2.50 -11.98
N ASP A 17 16.93 -2.56 -13.31
CA ASP A 17 16.52 -1.39 -14.07
C ASP A 17 15.00 -1.24 -14.21
N THR A 18 14.20 -1.93 -13.39
CA THR A 18 12.76 -1.67 -13.31
C THR A 18 12.53 -0.19 -12.97
N GLN A 19 11.53 0.45 -13.61
CA GLN A 19 11.30 1.89 -13.52
C GLN A 19 10.32 2.20 -12.38
N VAL A 20 10.83 2.24 -11.15
CA VAL A 20 10.01 2.39 -9.95
C VAL A 20 9.63 3.87 -9.78
N ALA A 21 8.41 4.15 -9.28
CA ALA A 21 7.90 5.52 -9.07
C ALA A 21 8.46 6.10 -7.76
N ASN A 22 9.78 6.40 -7.73
CA ASN A 22 10.42 6.88 -6.52
C ASN A 22 9.97 8.29 -6.08
N VAL A 23 9.25 9.03 -6.95
CA VAL A 23 8.55 10.25 -6.56
C VAL A 23 7.59 9.98 -5.39
N ILE A 24 7.03 8.78 -5.29
CA ILE A 24 6.16 8.48 -4.16
C ILE A 24 6.88 8.59 -2.82
N PRO A 25 7.90 7.75 -2.50
CA PRO A 25 8.63 7.92 -1.24
C PRO A 25 9.36 9.27 -1.13
N ALA A 26 9.77 9.85 -2.27
CA ALA A 26 10.34 11.20 -2.28
C ALA A 26 9.37 12.25 -1.72
N THR A 27 8.12 12.16 -2.14
CA THR A 27 7.06 13.07 -1.69
C THR A 27 6.71 12.77 -0.23
N VAL A 28 6.64 11.49 0.14
CA VAL A 28 6.42 11.17 1.54
C VAL A 28 7.51 11.75 2.49
N ALA A 29 8.78 11.65 2.07
CA ALA A 29 9.92 12.15 2.84
C ALA A 29 9.76 13.66 3.05
N SER A 30 9.39 14.40 1.97
CA SER A 30 9.10 15.82 2.01
C SER A 30 7.97 16.14 2.97
N PHE A 31 6.90 15.37 2.86
CA PHE A 31 5.78 15.45 3.78
C PHE A 31 6.24 15.28 5.23
N ASN A 32 7.14 14.35 5.53
CA ASN A 32 7.55 14.11 6.91
C ASN A 32 8.42 15.23 7.53
N GLN A 33 8.91 16.16 6.69
CA GLN A 33 9.63 17.33 7.14
C GLN A 33 8.67 18.48 7.51
N LEU A 34 7.35 18.39 7.23
CA LEU A 34 6.36 19.39 7.59
C LEU A 34 5.85 19.21 9.03
N SER A 35 5.28 20.30 9.58
CA SER A 35 4.73 20.29 10.92
C SER A 35 3.33 19.71 10.90
N GLY A 36 2.94 19.15 12.04
CA GLY A 36 1.64 18.54 12.26
C GLY A 36 0.45 19.26 11.64
N GLU A 37 0.32 20.57 11.88
CA GLU A 37 -0.84 21.27 11.36
C GLU A 37 -0.84 21.32 9.83
N ASP A 38 0.33 21.62 9.24
CA ASP A 38 0.47 21.62 7.80
C ASP A 38 0.11 20.23 7.25
N GLN A 39 0.57 19.18 7.93
CA GLN A 39 0.35 17.81 7.51
C GLN A 39 -1.14 17.51 7.40
N LEU A 40 -1.88 17.77 8.49
CA LEU A 40 -3.30 17.44 8.52
C LEU A 40 -4.03 18.23 7.45
N ALA A 41 -3.75 19.52 7.31
CA ALA A 41 -4.47 20.35 6.34
C ALA A 41 -4.15 19.88 4.91
N LEU A 42 -2.85 19.59 4.64
CA LEU A 42 -2.41 19.02 3.35
C LEU A 42 -3.16 17.73 3.04
N LEU A 43 -3.23 16.79 3.98
CA LEU A 43 -3.96 15.54 3.76
C LEU A 43 -5.45 15.77 3.46
N TRP A 44 -6.09 16.69 4.17
CA TRP A 44 -7.48 17.04 3.86
C TRP A 44 -7.61 17.52 2.41
N PHE A 45 -6.68 18.38 1.92
CA PHE A 45 -6.81 18.85 0.54
C PHE A 45 -6.55 17.74 -0.47
N VAL A 46 -5.59 16.84 -0.22
CA VAL A 46 -5.28 15.76 -1.14
C VAL A 46 -6.51 14.86 -1.26
N TYR A 47 -6.99 14.41 -0.12
CA TYR A 47 -8.10 13.47 -0.06
C TYR A 47 -9.34 14.04 -0.74
N THR A 48 -9.73 15.30 -0.42
CA THR A 48 -10.97 15.89 -0.88
C THR A 48 -10.89 16.34 -2.35
N GLU A 49 -9.71 16.56 -2.90
CA GLU A 49 -9.60 17.14 -4.23
C GLU A 49 -9.17 16.10 -5.26
N MET A 50 -9.08 14.83 -4.87
CA MET A 50 -8.54 13.79 -5.73
C MET A 50 -9.47 13.40 -6.91
N GLY A 51 -10.78 13.61 -6.78
CA GLY A 51 -11.78 13.26 -7.79
C GLY A 51 -12.11 11.77 -7.82
N VAL A 52 -11.71 11.01 -6.79
CA VAL A 52 -11.87 9.57 -6.70
C VAL A 52 -12.91 9.31 -5.62
N THR A 53 -13.96 8.55 -5.91
CA THR A 53 -14.88 8.15 -4.85
C THR A 53 -14.28 6.96 -4.10
N ILE A 54 -14.24 7.07 -2.77
CA ILE A 54 -13.71 6.06 -1.88
C ILE A 54 -14.89 5.30 -1.30
N THR A 55 -14.94 3.98 -1.54
CA THR A 55 -15.90 3.09 -0.90
C THR A 55 -15.17 2.33 0.23
N PRO A 56 -15.65 2.42 1.49
CA PRO A 56 -15.25 1.46 2.52
C PRO A 56 -15.92 0.09 2.33
N ALA A 57 -17.01 0.02 1.55
CA ALA A 57 -17.95 -1.11 1.52
C ALA A 57 -17.32 -2.41 1.04
N ALA A 58 -16.37 -2.37 0.08
CA ALA A 58 -15.81 -3.56 -0.57
C ALA A 58 -14.60 -4.17 0.17
N VAL A 59 -14.38 -3.72 1.42
CA VAL A 59 -13.13 -3.93 2.11
C VAL A 59 -13.35 -5.05 3.14
N ASN A 63 -13.84 -5.04 9.14
CA ASN A 63 -12.77 -4.02 8.97
C ASN A 63 -12.82 -2.90 10.03
N MET A 64 -14.02 -2.31 10.20
CA MET A 64 -14.22 -1.13 11.04
C MET A 64 -14.48 -1.51 12.50
N ILE A 65 -14.90 -2.76 12.76
CA ILE A 65 -15.19 -3.24 14.10
C ILE A 65 -13.95 -3.09 14.99
N PHE A 66 -12.76 -3.26 14.38
CA PHE A 66 -11.50 -3.08 15.11
C PHE A 66 -11.29 -1.64 15.58
N ALA A 67 -11.76 -0.64 14.80
CA ALA A 67 -11.55 0.80 15.08
C ALA A 67 -12.69 1.48 15.88
N GLU A 68 -13.84 0.81 16.07
CA GLU A 68 -15.06 1.49 16.51
C GLU A 68 -14.94 2.06 17.94
N LYS A 69 -14.25 1.37 18.82
CA LYS A 69 -14.11 1.80 20.21
C LYS A 69 -13.30 3.10 20.22
N THR A 70 -12.17 3.11 19.50
CA THR A 70 -11.38 4.34 19.41
C THR A 70 -12.16 5.45 18.71
N LEU A 71 -12.87 5.13 17.62
CA LEU A 71 -13.69 6.13 16.93
C LEU A 71 -14.75 6.73 17.82
N THR A 72 -15.42 5.92 18.67
CA THR A 72 -16.48 6.43 19.54
C THR A 72 -15.89 7.41 20.55
N GLN A 73 -14.75 7.00 21.13
CA GLN A 73 -13.94 7.80 22.01
C GLN A 73 -13.71 9.20 21.41
N ILE A 74 -13.17 9.22 20.18
CA ILE A 74 -12.87 10.49 19.54
C ILE A 74 -14.15 11.30 19.28
N GLN A 75 -15.20 10.62 18.82
CA GLN A 75 -16.47 11.28 18.59
C GLN A 75 -17.02 11.97 19.85
N GLN A 76 -16.82 11.39 21.04
CA GLN A 76 -17.37 11.93 22.26
CA GLN A 76 -17.33 11.89 22.29
C GLN A 76 -16.51 13.10 22.77
N MET A 77 -15.23 13.20 22.38
CA MET A 77 -14.36 14.28 22.85
C MET A 77 -14.84 15.63 22.34
N PRO A 78 -14.55 16.74 23.07
CA PRO A 78 -14.76 18.09 22.50
C PRO A 78 -13.75 18.35 21.39
N ALA A 79 -14.01 19.38 20.57
CA ALA A 79 -13.28 19.71 19.36
C ALA A 79 -11.79 19.90 19.63
N GLN A 80 -11.47 20.58 20.74
CA GLN A 80 -10.09 20.83 21.11
C GLN A 80 -9.33 19.52 21.26
N GLU A 81 -9.93 18.55 21.95
CA GLU A 81 -9.27 17.28 22.16
C GLU A 81 -9.23 16.42 20.88
N GLN A 82 -10.32 16.48 20.11
CA GLN A 82 -10.37 15.77 18.85
C GLN A 82 -9.18 16.18 17.97
N THR A 83 -8.89 17.50 17.89
CA THR A 83 -7.84 17.99 16.99
C THR A 83 -6.48 17.59 17.56
N GLN A 84 -6.34 17.62 18.88
CA GLN A 84 -5.09 17.21 19.50
C GLN A 84 -4.78 15.74 19.15
N VAL A 85 -5.80 14.86 19.20
CA VAL A 85 -5.64 13.43 18.88
C VAL A 85 -5.14 13.24 17.46
N MET A 86 -5.72 14.02 16.53
CA MET A 86 -5.38 13.90 15.14
C MET A 86 -3.99 14.43 14.90
N CSO A 87 -3.57 15.44 15.78
CA CSO A 87 -2.15 15.89 15.78
CB CSO A 87 -1.99 17.19 16.57
SG CSO A 87 -2.75 18.59 15.71
C CSO A 87 -1.27 14.81 16.40
O CSO A 87 -0.18 14.65 15.82
OD CSO A 87 -1.42 19.25 14.87
H CSO A 87 -3.41 14.72 16.16
HA CSO A 87 -1.89 16.05 14.86
HB2 CSO A 87 -1.04 17.37 16.70
HB3 CSO A 87 -2.41 17.09 17.44
HD CSO A 87 -1.71 19.94 14.38
N ASP A 88 -1.63 14.09 17.60
CA ASP A 88 -0.77 13.02 18.17
C ASP A 88 -0.45 11.95 17.12
N LEU A 89 -1.47 11.60 16.29
CA LEU A 89 -1.36 10.55 15.29
C LEU A 89 -0.37 10.93 14.21
N VAL A 90 -0.48 12.16 13.69
CA VAL A 90 0.35 12.58 12.57
C VAL A 90 1.78 12.86 13.06
N ASN A 91 1.95 13.29 14.34
CA ASN A 91 3.23 13.61 14.91
C ASN A 91 3.95 12.39 15.51
N HIS A 92 3.28 11.23 15.57
CA HIS A 92 3.86 10.03 16.17
C HIS A 92 4.10 10.19 17.65
N THR A 93 3.18 10.87 18.35
CA THR A 93 3.30 11.07 19.78
C THR A 93 2.94 9.77 20.50
N ASP A 94 3.71 9.42 21.53
CA ASP A 94 3.37 8.33 22.40
C ASP A 94 2.14 8.71 23.21
N THR A 95 1.01 8.11 22.88
CA THR A 95 -0.21 8.19 23.64
C THR A 95 -0.97 6.88 23.49
N PRO A 96 -1.82 6.52 24.47
CA PRO A 96 -2.69 5.36 24.34
C PRO A 96 -3.39 5.17 22.99
N ILE A 97 -4.06 6.22 22.47
CA ILE A 97 -4.70 6.17 21.16
C ILE A 97 -3.67 5.94 20.04
N CYS A 98 -2.54 6.63 20.06
CA CYS A 98 -1.47 6.34 19.10
C CYS A 98 -0.92 4.90 19.15
N ARG A 99 -0.76 4.31 20.35
CA ARG A 99 -0.40 2.91 20.42
C ARG A 99 -1.52 1.99 19.92
N THR A 100 -2.80 2.27 20.26
CA THR A 100 -3.90 1.44 19.78
C THR A 100 -3.98 1.42 18.23
N TYR A 101 -3.84 2.62 17.66
CA TYR A 101 -3.78 2.82 16.22
C TYR A 101 -2.67 2.02 15.59
N SER A 102 -1.47 1.99 16.19
CA SER A 102 -0.38 1.25 15.57
C SER A 102 -0.69 -0.25 15.54
N SER A 103 -1.64 -0.77 16.34
CA SER A 103 -2.03 -2.17 16.29
CA SER A 103 -2.10 -2.15 16.36
C SER A 103 -3.10 -2.45 15.23
N PHE A 104 -3.76 -1.44 14.67
CA PHE A 104 -4.68 -1.65 13.57
C PHE A 104 -4.00 -2.20 12.30
N GLY A 105 -4.73 -3.06 11.56
CA GLY A 105 -4.34 -3.45 10.21
C GLY A 105 -4.46 -2.28 9.24
N THR A 106 -3.77 -2.36 8.10
CA THR A 106 -3.64 -1.24 7.17
C THR A 106 -5.01 -0.73 6.76
N ASN A 107 -5.87 -1.65 6.35
CA ASN A 107 -7.22 -1.27 5.97
C ASN A 107 -8.05 -0.78 7.15
N VAL A 108 -7.77 -1.24 8.37
CA VAL A 108 -8.46 -0.66 9.51
C VAL A 108 -8.03 0.80 9.70
N LYS A 109 -6.72 1.08 9.66
CA LYS A 109 -6.23 2.46 9.72
C LYS A 109 -6.96 3.34 8.70
N LEU A 110 -7.09 2.87 7.46
CA LEU A 110 -7.69 3.63 6.39
C LEU A 110 -9.16 3.83 6.67
N GLY A 111 -9.81 2.82 7.25
CA GLY A 111 -11.22 2.96 7.57
C GLY A 111 -11.41 3.93 8.72
N PHE A 112 -10.47 3.90 9.67
CA PHE A 112 -10.45 4.88 10.76
C PHE A 112 -10.52 6.30 10.21
N TRP A 113 -9.58 6.62 9.31
CA TRP A 113 -9.45 7.95 8.79
C TRP A 113 -10.60 8.30 7.88
N TYR A 114 -11.14 7.31 7.17
CA TYR A 114 -12.31 7.55 6.34
C TYR A 114 -13.49 8.03 7.20
N GLN A 115 -13.73 7.35 8.33
CA GLN A 115 -14.86 7.72 9.19
C GLN A 115 -14.67 9.14 9.77
N LEU A 116 -13.43 9.47 10.14
CA LEU A 116 -13.18 10.82 10.64
C LEU A 116 -13.44 11.84 9.54
N SER A 117 -13.01 11.54 8.30
CA SER A 117 -13.29 12.41 7.15
C SER A 117 -14.79 12.65 6.99
N GLU A 118 -15.59 11.60 7.13
CA GLU A 118 -17.04 11.75 7.02
C GLU A 118 -17.60 12.63 8.15
N TRP A 119 -17.13 12.40 9.37
CA TRP A 119 -17.54 13.18 10.52
C TRP A 119 -17.11 14.64 10.43
N MET A 120 -15.96 14.96 9.84
CA MET A 120 -15.53 16.33 9.63
C MET A 120 -16.49 17.06 8.67
N LYS A 121 -16.93 16.37 7.61
CA LYS A 121 -17.93 16.90 6.69
C LYS A 121 -19.26 17.18 7.38
N GLN A 122 -19.63 16.35 8.36
CA GLN A 122 -20.93 16.42 9.02
C GLN A 122 -20.90 17.27 10.30
N GLY A 123 -19.74 17.86 10.62
CA GLY A 123 -19.53 18.62 11.83
C GLY A 123 -19.65 17.78 13.10
N ILE A 124 -19.36 16.48 13.07
CA ILE A 124 -19.28 15.64 14.27
C ILE A 124 -17.84 15.68 14.79
N VAL A 125 -16.86 15.94 13.90
CA VAL A 125 -15.47 16.04 14.29
C VAL A 125 -14.96 17.37 13.79
N ALA A 126 -14.16 18.01 14.66
CA ALA A 126 -13.66 19.31 14.37
C ALA A 126 -12.99 19.33 13.00
N PRO A 127 -13.39 20.23 12.09
CA PRO A 127 -12.77 20.26 10.76
C PRO A 127 -11.40 20.92 10.74
N ILE A 128 -10.78 20.90 9.57
CA ILE A 128 -9.69 21.83 9.31
C ILE A 128 -10.27 23.26 9.42
N PRO A 129 -9.61 24.21 10.15
CA PRO A 129 -10.15 25.56 10.31
C PRO A 129 -10.36 26.24 8.96
N GLU A 130 -11.54 26.88 8.77
CA GLU A 130 -11.90 27.61 7.55
C GLU A 130 -10.78 28.54 7.08
N GLY A 131 -10.16 28.21 5.95
CA GLY A 131 -9.17 29.07 5.30
C GLY A 131 -7.75 28.94 5.83
N TYR A 132 -7.46 27.91 6.68
CA TYR A 132 -6.15 27.67 7.29
C TYR A 132 -5.14 27.75 6.16
N GLN A 133 -4.08 28.55 6.34
CA GLN A 133 -3.12 28.73 5.27
C GLN A 133 -1.89 27.89 5.57
N LEU A 134 -1.59 27.00 4.61
CA LEU A 134 -0.40 26.17 4.65
C LEU A 134 0.81 27.08 4.53
N SER A 135 1.91 26.64 5.17
CA SER A 135 3.22 27.25 4.94
C SER A 135 3.53 27.07 3.47
N THR A 136 4.44 27.90 2.90
CA THR A 136 4.85 27.80 1.51
C THR A 136 5.33 26.39 1.21
N LYS A 137 6.16 25.83 2.08
CA LYS A 137 6.77 24.53 1.91
C LYS A 137 5.67 23.47 1.81
N ALA A 138 4.65 23.54 2.70
CA ALA A 138 3.57 22.57 2.67
C ALA A 138 2.80 22.70 1.37
N SER A 139 2.59 23.96 0.91
CA SER A 139 1.94 24.24 -0.37
C SER A 139 2.71 23.60 -1.54
N ASP A 140 4.05 23.50 -1.47
CA ASP A 140 4.79 22.85 -2.55
C ASP A 140 4.59 21.34 -2.49
N VAL A 141 4.61 20.74 -1.29
CA VAL A 141 4.31 19.33 -1.14
C VAL A 141 2.89 19.01 -1.63
N LEU A 142 1.90 19.85 -1.30
CA LEU A 142 0.54 19.59 -1.73
C LEU A 142 0.45 19.55 -3.26
N GLN A 143 1.01 20.55 -3.94
CA GLN A 143 0.99 20.64 -5.39
C GLN A 143 1.70 19.46 -6.05
N ALA A 144 2.80 18.93 -5.48
CA ALA A 144 3.46 17.77 -6.07
C ALA A 144 2.57 16.55 -5.92
N ILE A 145 1.88 16.41 -4.77
CA ILE A 145 0.97 15.29 -4.61
C ILE A 145 -0.18 15.42 -5.61
N ARG A 146 -0.73 16.61 -5.73
CA ARG A 146 -1.90 16.83 -6.56
C ARG A 146 -1.66 16.46 -8.04
N GLN A 147 -0.41 16.57 -8.51
CA GLN A 147 -0.02 16.33 -9.91
C GLN A 147 -0.01 14.83 -10.24
N LEU A 148 0.21 13.97 -9.24
CA LEU A 148 0.33 12.54 -9.42
C LEU A 148 -1.00 11.96 -9.94
N GLU A 149 -0.90 10.86 -10.68
CA GLU A 149 -2.07 10.07 -11.04
C GLU A 149 -2.78 9.65 -9.77
N PRO A 150 -4.12 9.48 -9.76
CA PRO A 150 -4.83 9.12 -8.54
C PRO A 150 -4.24 7.93 -7.82
N GLY A 151 -3.81 6.90 -8.56
CA GLY A 151 -3.43 5.66 -7.89
C GLY A 151 -2.17 5.83 -7.06
N GLN A 152 -1.29 6.69 -7.57
CA GLN A 152 -0.09 7.11 -6.89
C GLN A 152 -0.42 8.03 -5.70
N GLN A 153 -1.40 8.92 -5.82
CA GLN A 153 -1.83 9.70 -4.66
C GLN A 153 -2.36 8.75 -3.58
N LEU A 154 -3.15 7.74 -3.98
CA LEU A 154 -3.68 6.81 -3.00
C LEU A 154 -2.53 6.09 -2.29
N THR A 155 -1.42 5.84 -3.03
CA THR A 155 -0.26 5.16 -2.45
C THR A 155 0.43 6.07 -1.44
N VAL A 156 0.62 7.35 -1.81
CA VAL A 156 1.15 8.38 -0.91
C VAL A 156 0.33 8.36 0.39
N LEU A 157 -1.00 8.47 0.28
CA LEU A 157 -1.86 8.52 1.46
C LEU A 157 -1.75 7.28 2.34
N GLN A 158 -1.77 6.11 1.67
CA GLN A 158 -1.70 4.88 2.41
C GLN A 158 -0.40 4.83 3.21
N ASP A 159 0.71 5.17 2.56
CA ASP A 159 2.01 5.10 3.16
C ASP A 159 2.05 6.03 4.40
N ILE A 160 1.51 7.24 4.25
CA ILE A 160 1.42 8.18 5.35
C ILE A 160 0.53 7.64 6.49
N VAL A 161 -0.65 7.16 6.14
CA VAL A 161 -1.57 6.64 7.13
C VAL A 161 -0.94 5.46 7.88
N VAL A 162 -0.29 4.51 7.16
CA VAL A 162 0.17 3.32 7.85
C VAL A 162 1.21 3.72 8.89
N ASN A 163 2.05 4.71 8.58
CA ASN A 163 3.11 5.17 9.46
C ASN A 163 2.66 6.13 10.57
N MET A 164 1.38 6.53 10.68
CA MET A 164 0.93 7.36 11.81
C MET A 164 0.87 6.54 13.10
N GLY A 165 0.72 7.23 14.24
CA GLY A 165 0.65 6.60 15.55
C GLY A 165 2.03 6.35 16.11
N TYR A 166 2.11 5.43 17.08
CA TYR A 166 3.33 5.24 17.87
C TYR A 166 3.51 3.75 18.11
N THR A 167 4.62 3.23 17.61
CA THR A 167 4.94 1.80 17.67
C THR A 167 5.92 1.64 18.81
N SER A 168 5.52 0.84 19.82
CA SER A 168 6.20 0.76 21.11
C SER A 168 7.49 -0.05 21.01
N GLN A 183 -13.08 -14.83 5.57
CA GLN A 183 -13.60 -14.23 4.31
C GLN A 183 -13.66 -15.31 3.21
N GLN A 184 -14.16 -14.95 2.01
CA GLN A 184 -14.62 -15.93 1.03
C GLN A 184 -13.56 -16.19 -0.04
N VAL A 185 -13.33 -17.50 -0.30
CA VAL A 185 -12.41 -18.01 -1.31
C VAL A 185 -13.22 -18.46 -2.53
N ALA A 186 -12.88 -17.89 -3.70
CA ALA A 186 -13.42 -18.36 -4.98
C ALA A 186 -12.60 -19.56 -5.45
N PRO A 187 -13.11 -20.29 -6.45
CA PRO A 187 -12.25 -21.06 -7.34
C PRO A 187 -11.35 -20.18 -8.20
N ARG A 188 -10.18 -20.74 -8.56
CA ARG A 188 -9.31 -20.12 -9.53
C ARG A 188 -10.04 -20.03 -10.87
N THR A 189 -9.91 -18.86 -11.51
CA THR A 189 -10.28 -18.71 -12.91
C THR A 189 -9.00 -18.42 -13.71
N GLN A 190 -8.93 -19.04 -14.88
CA GLN A 190 -7.87 -18.90 -15.85
C GLN A 190 -7.51 -17.43 -16.05
N ILE A 191 -6.22 -17.10 -16.07
CA ILE A 191 -5.76 -15.78 -16.47
C ILE A 191 -4.57 -15.96 -17.43
N ASN A 192 -4.37 -15.04 -18.37
CA ASN A 192 -3.26 -15.09 -19.31
C ASN A 192 -2.31 -13.90 -19.15
N ILE A 193 -1.01 -14.20 -19.27
CA ILE A 193 0.05 -13.24 -19.34
C ILE A 193 0.86 -13.46 -20.61
N GLU A 194 0.77 -12.53 -21.56
CA GLU A 194 1.53 -12.61 -22.79
C GLU A 194 3.01 -12.74 -22.48
N GLY A 195 3.67 -13.72 -23.09
CA GLY A 195 5.13 -13.81 -23.06
C GLY A 195 5.67 -14.80 -22.04
N ILE A 196 4.85 -15.32 -21.12
CA ILE A 196 5.33 -16.36 -20.24
C ILE A 196 4.30 -17.49 -20.12
N ASN A 197 4.79 -18.63 -19.63
CA ASN A 197 4.06 -19.90 -19.50
C ASN A 197 4.48 -20.56 -18.18
N ASN A 198 4.57 -19.75 -17.13
CA ASN A 198 4.99 -20.23 -15.84
C ASN A 198 3.76 -20.46 -14.96
N GLU A 199 3.65 -21.68 -14.47
CA GLU A 199 2.47 -22.05 -13.74
C GLU A 199 2.52 -21.52 -12.30
N THR A 200 3.72 -21.29 -11.74
CA THR A 200 3.82 -20.85 -10.38
C THR A 200 3.32 -19.39 -10.33
N VAL A 201 3.73 -18.59 -11.33
CA VAL A 201 3.25 -17.24 -11.49
C VAL A 201 1.74 -17.19 -11.66
N LEU A 202 1.19 -18.01 -12.58
CA LEU A 202 -0.24 -18.02 -12.82
C LEU A 202 -1.00 -18.50 -11.59
N SER A 203 -0.49 -19.52 -10.88
CA SER A 203 -1.13 -19.93 -9.64
C SER A 203 -1.17 -18.77 -8.61
N TYR A 204 -0.08 -18.04 -8.52
CA TYR A 204 0.02 -16.93 -7.58
C TYR A 204 -1.08 -15.92 -7.91
N MET A 205 -1.13 -15.47 -9.16
CA MET A 205 -2.05 -14.40 -9.58
C MET A 205 -3.49 -14.87 -9.39
N GLU A 206 -3.82 -16.11 -9.76
CA GLU A 206 -5.19 -16.58 -9.71
C GLU A 206 -5.64 -16.83 -8.27
N ASN A 207 -4.73 -17.37 -7.44
CA ASN A 207 -5.08 -17.57 -6.05
C ASN A 207 -5.22 -16.22 -5.32
N MET A 208 -4.43 -15.21 -5.70
CA MET A 208 -4.58 -13.90 -5.06
C MET A 208 -5.94 -13.29 -5.45
N ASN A 209 -6.36 -13.46 -6.71
CA ASN A 209 -7.64 -12.95 -7.17
C ASN A 209 -8.82 -13.67 -6.53
N ALA A 210 -8.67 -14.97 -6.24
CA ALA A 210 -9.68 -15.75 -5.56
C ALA A 210 -9.68 -15.51 -4.05
N PHE A 211 -8.68 -14.80 -3.51
CA PHE A 211 -8.50 -14.57 -2.09
C PHE A 211 -8.21 -15.90 -1.40
N ASN A 212 -7.57 -16.83 -2.16
CA ASN A 212 -7.16 -18.08 -1.58
C ASN A 212 -5.72 -17.91 -1.11
N PHE A 213 -5.56 -17.25 0.04
CA PHE A 213 -4.25 -16.83 0.48
C PHE A 213 -3.42 -17.99 0.99
N PRO A 214 -3.97 -19.00 1.72
CA PRO A 214 -3.21 -20.22 2.01
C PRO A 214 -2.62 -20.92 0.76
N ALA A 215 -3.38 -20.99 -0.35
CA ALA A 215 -2.86 -21.54 -1.59
C ALA A 215 -1.70 -20.73 -2.18
N ALA A 216 -1.84 -19.39 -2.19
CA ALA A 216 -0.78 -18.53 -2.71
C ALA A 216 0.51 -18.67 -1.90
N VAL A 217 0.39 -18.65 -0.56
CA VAL A 217 1.52 -18.74 0.35
CA VAL A 217 1.56 -18.72 0.29
C VAL A 217 2.21 -20.10 0.18
N ALA A 218 1.40 -21.16 -0.11
CA ALA A 218 1.96 -22.50 -0.27
C ALA A 218 2.95 -22.58 -1.43
N LEU A 219 2.92 -21.62 -2.38
CA LEU A 219 3.87 -21.61 -3.49
C LEU A 219 5.27 -21.17 -3.07
N PHE A 220 5.42 -20.53 -1.88
CA PHE A 220 6.68 -19.96 -1.41
C PHE A 220 7.54 -21.05 -0.77
N THR A 221 8.87 -20.90 -0.88
CA THR A 221 9.74 -21.66 0.01
C THR A 221 9.45 -21.26 1.45
N GLU A 222 9.83 -22.08 2.44
CA GLU A 222 9.53 -21.79 3.84
C GLU A 222 10.29 -20.55 4.33
N ASP A 223 11.46 -20.30 3.73
CA ASP A 223 12.29 -19.16 4.00
C ASP A 223 12.10 -18.04 2.95
N GLY A 224 11.01 -18.08 2.19
CA GLY A 224 10.80 -17.12 1.11
C GLY A 224 10.22 -15.79 1.59
N ALA A 225 10.26 -14.77 0.70
CA ALA A 225 9.73 -13.47 1.10
C ALA A 225 8.95 -12.79 -0.01
N LEU A 226 8.03 -11.93 0.40
CA LEU A 226 7.26 -11.02 -0.44
C LEU A 226 7.58 -9.59 0.01
N GLN A 227 7.92 -8.71 -0.96
CA GLN A 227 8.32 -7.34 -0.70
C GLN A 227 7.27 -6.39 -1.27
N PRO A 228 6.42 -5.79 -0.42
CA PRO A 228 5.47 -4.81 -0.90
C PRO A 228 6.21 -3.55 -1.38
N PRO A 229 5.54 -2.72 -2.17
CA PRO A 229 6.15 -1.52 -2.73
C PRO A 229 6.72 -0.60 -1.64
N PHE A 230 8.03 -0.28 -1.74
CA PHE A 230 8.71 0.68 -0.87
C PHE A 230 8.77 0.18 0.57
N GLN A 231 8.64 -1.12 0.81
CA GLN A 231 8.66 -1.68 2.14
C GLN A 231 9.68 -2.80 2.20
N GLU A 232 9.90 -3.31 3.40
CA GLU A 232 10.89 -4.34 3.62
C GLU A 232 10.31 -5.70 3.18
N PRO A 233 11.14 -6.69 2.81
CA PRO A 233 10.65 -8.07 2.62
C PRO A 233 9.96 -8.64 3.87
N ILE A 234 8.83 -9.31 3.67
CA ILE A 234 8.11 -10.06 4.68
C ILE A 234 8.51 -11.51 4.53
N VAL A 235 9.14 -12.08 5.57
CA VAL A 235 9.88 -13.31 5.46
C VAL A 235 9.06 -14.44 6.09
N GLY A 236 8.92 -15.58 5.39
CA GLY A 236 8.30 -16.78 5.93
C GLY A 236 6.78 -16.83 5.71
N GLN A 237 6.27 -18.05 5.56
CA GLN A 237 4.91 -18.21 5.12
C GLN A 237 3.89 -17.64 6.15
N GLU A 238 4.16 -17.85 7.44
CA GLU A 238 3.24 -17.38 8.49
C GLU A 238 3.04 -15.87 8.40
N SER A 239 4.15 -15.15 8.19
CA SER A 239 4.11 -13.70 8.10
C SER A 239 3.46 -13.24 6.81
N ILE A 240 3.80 -13.90 5.68
CA ILE A 240 3.24 -13.52 4.40
C ILE A 240 1.72 -13.72 4.44
N LEU A 241 1.24 -14.85 4.98
CA LEU A 241 -0.21 -15.10 5.08
C LEU A 241 -0.91 -14.01 5.92
N ALA A 242 -0.34 -13.64 7.07
CA ALA A 242 -0.93 -12.61 7.91
C ALA A 242 -1.07 -11.29 7.14
N TYR A 243 -0.03 -10.97 6.34
CA TYR A 243 -0.02 -9.77 5.54
C TYR A 243 -1.10 -9.85 4.48
N MET A 244 -1.25 -11.02 3.86
CA MET A 244 -2.24 -11.21 2.84
C MET A 244 -3.64 -11.00 3.41
N HIS A 245 -3.92 -11.57 4.59
CA HIS A 245 -5.15 -11.33 5.35
C HIS A 245 -5.40 -9.85 5.63
N GLU A 246 -4.36 -9.12 6.02
CA GLU A 246 -4.42 -7.73 6.43
C GLU A 246 -4.68 -6.79 5.24
N GLU A 247 -4.04 -7.02 4.10
CA GLU A 247 -3.96 -6.04 3.03
C GLU A 247 -4.56 -6.48 1.71
N CYS A 248 -4.81 -7.79 1.48
CA CYS A 248 -4.99 -8.26 0.10
C CYS A 248 -6.45 -8.56 -0.27
N TYR A 249 -7.38 -8.51 0.69
CA TYR A 249 -8.78 -8.83 0.43
C TYR A 249 -9.38 -7.75 -0.47
N GLY A 250 -10.07 -8.20 -1.52
CA GLY A 250 -10.73 -7.34 -2.49
C GLY A 250 -9.82 -6.78 -3.58
N LEU A 251 -8.51 -7.06 -3.56
CA LEU A 251 -7.67 -6.63 -4.67
C LEU A 251 -8.06 -7.39 -5.94
N LYS A 252 -7.87 -6.75 -7.10
CA LYS A 252 -7.92 -7.37 -8.41
C LYS A 252 -6.59 -7.18 -9.12
N LEU A 253 -5.89 -8.29 -9.39
CA LEU A 253 -4.58 -8.27 -10.02
C LEU A 253 -4.79 -8.55 -11.49
N ILE A 254 -4.22 -7.69 -12.34
CA ILE A 254 -4.36 -7.70 -13.77
C ILE A 254 -2.94 -7.71 -14.36
N PRO A 255 -2.24 -8.85 -14.27
CA PRO A 255 -0.96 -9.01 -14.97
C PRO A 255 -1.22 -9.02 -16.47
N GLU A 256 -0.34 -8.40 -17.23
CA GLU A 256 -0.52 -8.25 -18.68
C GLU A 256 0.58 -8.99 -19.44
N GLN A 257 1.85 -8.78 -19.12
CA GLN A 257 2.95 -9.28 -19.91
C GLN A 257 4.11 -9.65 -18.99
N GLY A 258 4.98 -10.50 -19.49
CA GLY A 258 6.11 -10.96 -18.73
C GLY A 258 7.28 -11.42 -19.57
N ILE A 259 8.41 -11.57 -18.89
CA ILE A 259 9.61 -12.18 -19.41
C ILE A 259 10.12 -13.09 -18.32
N SER A 260 10.76 -14.17 -18.77
CA SER A 260 11.31 -15.16 -17.90
C SER A 260 12.75 -15.38 -18.30
N GLU A 261 13.67 -15.46 -17.33
CA GLU A 261 15.08 -15.73 -17.63
C GLU A 261 15.64 -16.74 -16.65
N PRO A 262 16.44 -17.73 -17.12
CA PRO A 262 17.16 -18.65 -16.23
C PRO A 262 18.40 -17.97 -15.65
N VAL A 263 18.65 -18.20 -14.35
CA VAL A 263 19.82 -17.62 -13.70
C VAL A 263 20.23 -18.59 -12.61
N GLU A 264 21.35 -19.26 -12.87
CA GLU A 264 22.04 -20.12 -11.91
C GLU A 264 21.10 -21.26 -11.47
N GLY A 265 20.29 -21.80 -12.38
CA GLY A 265 19.30 -22.84 -12.07
C GLY A 265 18.00 -22.34 -11.42
N PHE A 266 17.95 -21.05 -11.03
CA PHE A 266 16.73 -20.39 -10.66
C PHE A 266 16.11 -19.79 -11.93
N THR A 267 14.87 -19.33 -11.78
CA THR A 267 14.20 -18.58 -12.83
C THR A 267 13.78 -17.23 -12.26
N GLN A 268 14.13 -16.16 -12.97
CA GLN A 268 13.61 -14.85 -12.65
C GLN A 268 12.57 -14.42 -13.68
N ILE A 269 11.44 -13.89 -13.19
CA ILE A 269 10.32 -13.54 -14.04
C ILE A 269 9.87 -12.15 -13.61
N LYS A 270 9.77 -11.25 -14.59
CA LYS A 270 9.21 -9.91 -14.41
C LYS A 270 7.88 -9.85 -15.14
N VAL A 271 6.80 -9.48 -14.45
CA VAL A 271 5.48 -9.31 -15.01
C VAL A 271 5.08 -7.84 -14.82
N THR A 272 4.52 -7.19 -15.84
CA THR A 272 3.94 -5.87 -15.66
C THR A 272 2.43 -5.97 -15.89
N GLY A 273 1.71 -5.08 -15.22
CA GLY A 273 0.28 -4.98 -15.33
C GLY A 273 -0.26 -4.03 -14.26
N LYS A 274 -1.47 -4.26 -13.75
CA LYS A 274 -2.15 -3.36 -12.85
C LYS A 274 -2.78 -4.10 -11.67
N VAL A 275 -3.06 -3.34 -10.61
CA VAL A 275 -3.97 -3.76 -9.55
C VAL A 275 -5.01 -2.67 -9.40
N GLN A 276 -6.21 -3.08 -8.96
CA GLN A 276 -7.25 -2.19 -8.48
C GLN A 276 -7.50 -2.52 -7.02
N THR A 277 -7.65 -1.47 -6.19
CA THR A 277 -7.96 -1.64 -4.78
C THR A 277 -9.46 -1.53 -4.60
N PRO A 278 -10.05 -2.26 -3.64
CA PRO A 278 -11.48 -2.14 -3.33
C PRO A 278 -11.91 -0.78 -2.74
N TRP A 279 -10.94 -0.01 -2.24
CA TRP A 279 -11.18 1.37 -1.83
C TRP A 279 -11.64 2.24 -2.98
N ALA A 280 -11.15 2.01 -4.22
CA ALA A 280 -11.52 2.84 -5.36
C ALA A 280 -12.26 2.10 -6.49
N GLY A 281 -12.43 0.76 -6.40
CA GLY A 281 -13.01 -0.06 -7.47
C GLY A 281 -12.28 0.07 -8.80
N ASP A 282 -13.05 -0.03 -9.88
CA ASP A 282 -12.46 -0.04 -11.20
C ASP A 282 -12.18 1.37 -11.72
N SER A 283 -12.49 2.41 -10.95
CA SER A 283 -12.17 3.77 -11.35
C SER A 283 -10.66 4.04 -11.39
N VAL A 284 -9.84 3.27 -10.67
CA VAL A 284 -8.41 3.55 -10.55
C VAL A 284 -7.63 2.26 -10.77
N SER A 285 -6.56 2.32 -11.59
CA SER A 285 -5.62 1.20 -11.76
C SER A 285 -4.18 1.63 -11.51
N ILE A 286 -3.46 0.93 -10.64
CA ILE A 286 -2.09 1.28 -10.32
C ILE A 286 -1.20 0.35 -11.15
N ASN A 287 -0.27 0.95 -11.90
CA ASN A 287 0.69 0.23 -12.74
C ASN A 287 1.77 -0.41 -11.85
N LEU A 288 1.94 -1.73 -11.99
CA LEU A 288 2.87 -2.48 -11.17
C LEU A 288 3.79 -3.35 -12.00
N ALA A 289 4.94 -3.63 -11.38
CA ALA A 289 5.74 -4.79 -11.76
C ALA A 289 5.69 -5.78 -10.62
N TRP A 290 5.76 -7.06 -11.02
CA TRP A 290 6.03 -8.13 -10.08
CA TRP A 290 5.97 -8.17 -10.13
C TRP A 290 7.34 -8.74 -10.52
N ARG A 291 8.25 -8.95 -9.55
CA ARG A 291 9.57 -9.50 -9.83
C ARG A 291 9.70 -10.77 -9.02
N PHE A 292 9.59 -11.96 -9.68
CA PHE A 292 9.68 -13.24 -9.01
C PHE A 292 11.07 -13.86 -9.19
N LEU A 293 11.57 -14.50 -8.14
CA LEU A 293 12.68 -15.43 -8.21
C LEU A 293 12.20 -16.79 -7.73
N LEU A 294 12.20 -17.74 -8.66
CA LEU A 294 11.74 -19.08 -8.37
C LEU A 294 12.95 -20.00 -8.25
N ASN A 295 12.88 -20.96 -7.32
CA ASN A 295 13.99 -21.89 -7.10
C ASN A 295 13.90 -22.97 -8.19
N PRO A 296 14.86 -23.91 -8.30
CA PRO A 296 14.80 -24.99 -9.30
C PRO A 296 13.53 -25.86 -9.29
N GLN A 297 12.84 -25.98 -8.14
CA GLN A 297 11.60 -26.70 -8.01
C GLN A 297 10.34 -25.88 -8.36
N GLY A 298 10.47 -24.64 -8.89
CA GLY A 298 9.33 -23.76 -9.16
C GLY A 298 8.68 -23.10 -7.93
N LYS A 299 9.37 -23.10 -6.76
CA LYS A 299 8.85 -22.46 -5.56
CA LYS A 299 8.88 -22.46 -5.55
C LYS A 299 9.25 -20.97 -5.61
N ILE A 300 8.37 -20.10 -5.10
CA ILE A 300 8.67 -18.67 -4.98
C ILE A 300 9.65 -18.50 -3.82
N PHE A 301 10.90 -18.18 -4.16
CA PHE A 301 11.86 -17.76 -3.15
C PHE A 301 11.67 -16.28 -2.73
N PHE A 302 11.35 -15.44 -3.72
CA PHE A 302 11.15 -14.03 -3.48
C PHE A 302 10.21 -13.47 -4.52
N VAL A 303 9.32 -12.55 -4.11
CA VAL A 303 8.62 -11.73 -5.07
C VAL A 303 8.55 -10.30 -4.54
N ALA A 304 8.95 -9.34 -5.38
CA ALA A 304 8.83 -7.91 -5.13
C ALA A 304 7.66 -7.38 -5.93
N ILE A 305 6.83 -6.52 -5.35
CA ILE A 305 5.82 -5.78 -6.08
C ILE A 305 6.27 -4.33 -6.06
N ASP A 306 6.33 -3.70 -7.24
CA ASP A 306 6.73 -2.31 -7.37
C ASP A 306 5.64 -1.47 -8.04
N VAL A 307 5.51 -0.20 -7.64
CA VAL A 307 4.69 0.78 -8.34
C VAL A 307 5.57 1.43 -9.40
N LEU A 308 5.12 1.34 -10.64
CA LEU A 308 5.96 1.76 -11.76
C LEU A 308 5.82 3.27 -11.97
N ALA A 309 6.91 3.89 -12.43
CA ALA A 309 6.90 5.30 -12.86
C ALA A 309 6.09 5.49 -14.14
N SER A 310 5.29 6.56 -14.24
CA SER A 310 4.64 6.93 -15.49
C SER A 310 5.66 7.50 -16.48
N PRO A 311 5.32 7.60 -17.78
CA PRO A 311 6.23 8.21 -18.76
C PRO A 311 6.54 9.65 -18.36
N GLN A 312 5.51 10.35 -17.86
CA GLN A 312 5.61 11.72 -17.38
C GLN A 312 6.64 11.77 -16.24
N GLU A 313 6.57 10.85 -15.26
CA GLU A 313 7.48 10.90 -14.12
C GLU A 313 8.92 10.56 -14.50
N LEU A 314 9.11 9.69 -15.48
CA LEU A 314 10.46 9.44 -15.95
C LEU A 314 11.07 10.69 -16.60
N LEU A 315 10.33 11.31 -17.52
CA LEU A 315 10.73 12.57 -18.14
C LEU A 315 11.17 13.58 -17.06
N ASN A 316 10.32 13.82 -16.05
CA ASN A 316 10.43 14.89 -15.06
C ASN A 316 11.67 14.71 -14.18
N MET A 317 11.89 13.46 -13.72
CA MET A 317 13.06 13.03 -12.96
C MET A 317 14.25 12.73 -13.87
N GLY A 318 14.34 13.42 -15.02
CA GLY A 318 15.59 13.65 -15.72
C GLY A 318 15.91 15.14 -15.93
N PHE A 319 14.90 15.98 -16.26
CA PHE A 319 15.08 17.18 -17.08
C PHE A 319 14.23 18.37 -16.59
C1 ECH B . -8.51 13.43 6.62
C2 ECH B . -7.64 14.63 6.95
C3 ECH B . -6.73 14.40 8.11
C4 ECH B . -5.72 13.29 7.88
C5 ECH B . -6.36 12.13 7.12
C6 ECH B . -7.58 12.24 6.54
C7 ECH B . -8.22 11.16 5.79
C8 ECH B . -7.62 10.38 4.81
C9 ECH B . -8.26 9.33 4.08
C10 ECH B . -7.49 8.55 3.22
C11 ECH B . -7.88 7.41 2.49
C12 ECH B . -7.02 6.73 1.67
C13 ECH B . -7.23 5.47 0.99
C14 ECH B . -6.24 4.92 0.23
C15 ECH B . -6.17 3.61 -0.30
C16 ECH B . -5.07 3.17 -0.95
C17 ECH B . -4.84 1.90 -1.44
C18 ECH B . -3.78 1.46 -2.15
C19 ECH B . -3.65 0.08 -2.49
C20 ECH B . -2.71 -0.51 -3.29
C21 ECH B . -2.46 -1.87 -3.30
C22 ECH B . -1.46 -2.55 -3.96
C23 ECH B . -1.34 -3.93 -3.73
C24 ECH B . -0.48 -4.79 -4.37
C25 ECH B . -0.04 -6.09 -3.96
C26 ECH B . 0.02 -7.04 -4.99
C27 ECH B . 0.59 -8.46 -4.72
O27 ECH B . 0.72 -9.34 -5.61
C28 ECH B . 1.07 -8.78 -3.33
C29 ECH B . 0.25 -8.03 -2.29
C30 ECH B . 0.31 -6.51 -2.54
C31 ECH B . -9.62 13.20 7.66
C32 ECH B . -9.15 13.73 5.24
C33 ECH B . -5.45 10.92 7.11
C34 ECH B . -9.72 9.02 4.23
C35 ECH B . -8.52 4.77 1.20
C36 ECH B . -2.72 2.42 -2.54
C37 ECH B . -0.49 -1.72 -4.75
C38 ECH B . -0.53 -6.77 -6.36
C39 ECH B . 1.72 -6.01 -2.27
C40 ECH B . -0.65 -5.96 -1.49
H2 ECH B . -7.09 14.86 6.17
H2A ECH B . -8.21 15.41 7.15
H3 ECH B . -7.27 14.18 8.90
H3A ECH B . -6.25 15.23 8.32
H4 ECH B . -5.38 12.97 8.74
H4A ECH B . -4.97 13.64 7.36
H7 ECH B . -9.11 10.97 6.02
H8 ECH B . -6.72 10.56 4.60
H10 ECH B . -6.59 8.81 3.11
H11 ECH B . -8.75 7.09 2.58
H12 ECH B . -6.18 7.14 1.52
H14 ECH B . -5.51 5.48 0.02
H15 ECH B . -6.87 3.00 -0.20
H16 ECH B . -4.38 3.81 -1.07
H17 ECH B . -5.51 1.27 -1.25
H19 ECH B . -4.29 -0.50 -2.12
H20 ECH B . -2.25 0.02 -3.91
H21 ECH B . -3.06 -2.39 -2.80
H23 ECH B . -1.96 -4.29 -3.13
H24 ECH B . -0.08 -4.46 -5.15
H28 ECH B . 2.01 -8.54 -3.24
H28A ECH B . 0.98 -9.73 -3.17
H29 ECH B . 0.57 -8.24 -1.39
H29A ECH B . -0.68 -8.33 -2.36
H31 ECH B . -9.58 12.29 8.00
H31A ECH B . -10.49 13.35 7.27
H31B ECH B . -9.51 13.81 8.40
H32 ECH B . -8.50 13.61 4.54
H32A ECH B . -9.47 14.66 5.22
H32B ECH B . -9.91 13.14 5.09
H33 ECH B . -5.99 10.11 7.03
H33A ECH B . -4.94 10.87 7.93
H33B ECH B . -4.85 10.97 6.35
H34 ECH B . -10.04 8.50 3.49
H34A ECH B . -10.22 9.84 4.28
H34B ECH B . -9.85 8.52 5.04
H35 ECH B . -8.63 4.05 0.59
H35A ECH B . -9.25 5.40 1.06
H35B ECH B . -8.56 4.45 2.11
H36 ECH B . -2.01 1.98 -3.01
H36A ECH B . -2.36 2.83 -1.74
H36B ECH B . -3.11 3.11 -3.11
H37 ECH B . 0.20 -2.27 -5.12
H37A ECH B . -0.09 -1.04 -4.19
H37B ECH B . -0.96 -1.28 -5.49
H38 ECH B . -0.99 -7.56 -6.68
H38A ECH B . 0.19 -6.55 -6.96
H38B ECH B . -1.17 -6.04 -6.34
H39 ECH B . 2.18 -6.60 -1.65
H39A ECH B . 1.69 -5.12 -1.90
H39B ECH B . 2.23 -5.98 -3.10
H40 ECH B . -0.50 -6.39 -0.63
H40A ECH B . -1.56 -6.13 -1.76
H40B ECH B . -0.53 -5.01 -1.39
C TRS C . 6.79 15.05 12.50
C1 TRS C . 5.40 14.84 11.93
C2 TRS C . 7.73 13.96 11.98
C3 TRS C . 7.36 16.40 12.10
N TRS C . 6.66 14.91 14.00
O1 TRS C . 4.53 15.85 12.36
O2 TRS C . 7.19 12.67 12.18
O3 TRS C . 7.42 17.29 13.20
H11 TRS C . 5.06 13.97 12.22
H12 TRS C . 5.46 14.83 10.95
H21 TRS C . 8.58 14.04 12.44
H22 TRS C . 7.89 14.10 11.02
H31 TRS C . 6.82 16.79 11.39
H32 TRS C . 8.27 16.28 11.75
HN1 TRS C . 7.39 15.26 14.42
HN2 TRS C . 6.58 14.04 14.24
HN3 TRS C . 5.93 15.36 14.30
HO1 TRS C . 3.78 15.80 12.07
HO2 TRS C . 7.66 12.09 11.87
HO3 TRS C . 6.67 17.68 13.27
N1 AZI D . -11.87 13.56 27.26
N2 AZI D . -10.92 13.09 27.71
N3 AZI D . -10.00 12.60 28.20
N1 AZI E . 8.75 8.51 -10.12
N2 AZI E . 9.89 8.57 -10.15
N3 AZI E . 11.05 8.63 -10.12
N1 AZI F . 5.34 22.56 8.15
N2 AZI F . 5.95 23.29 7.53
N3 AZI F . 6.58 24.00 6.87
N1 AZI G . 12.17 14.61 -1.56
N2 AZI G . 12.72 13.93 -0.80
N3 AZI G . 13.27 13.29 -0.05
C1 GOL H . 8.73 -1.75 -16.19
O1 GOL H . 10.00 -1.34 -15.70
C2 GOL H . 8.62 -1.55 -17.70
O2 GOL H . 8.36 -2.79 -18.36
C3 GOL H . 7.60 -0.48 -18.12
O3 GOL H . 6.26 -0.98 -18.20
H11 GOL H . 8.02 -1.24 -15.74
H12 GOL H . 8.59 -2.71 -16.00
HO1 GOL H . 10.00 -1.46 -14.86
H2 GOL H . 9.50 -1.22 -18.02
HO2 GOL H . 7.68 -2.70 -18.87
H31 GOL H . 7.86 -0.13 -19.01
H32 GOL H . 7.62 0.26 -17.48
HO3 GOL H . 6.27 -1.81 -18.35
N1 AZI I . -4.29 6.19 -11.20
N2 AZI I . -3.25 5.70 -11.21
N3 AZI I . -2.20 5.22 -11.16
#